data_8AWL
#
_entry.id   8AWL
#
_cell.length_a   54.382
_cell.length_b   70.388
_cell.length_c   129.942
_cell.angle_alpha   90.000
_cell.angle_beta   90.000
_cell.angle_gamma   90.000
#
_symmetry.space_group_name_H-M   'P 21 21 21'
#
loop_
_entity.id
_entity.type
_entity.pdbx_description
1 polymer 'Heavy chain Fab268'
2 polymer 'Light chain Fab268'
3 non-polymer 'CITRIC ACID'
4 water water
#
loop_
_entity_poly.entity_id
_entity_poly.type
_entity_poly.pdbx_seq_one_letter_code
_entity_poly.pdbx_strand_id
1 'polypeptide(L)'
;QVHLVESGGGVVQPGKSLRLSCAASGFIFNHFGIHWVRQSPGKGLEWVAVIWYDGSKKYFADSVKGRFSISRDNSQNTVY
LQMNSLRTEDTAVYYCARERWSGHSYLDYWGHGALVTVSSASTKGPSVFPLAPSSKSTSGGTAALGCLVKDYFPEPVTVS
WNSGALTSGVHTFPAVLQSSGLYSLSSVVTVPSSSLGTQTYICNVNHKPSNTKVDKKVE
;
H
2 'polypeptide(L)'
;SNVLTQPPSVSVAPGQTARISCGGNNLESKYVHWYQQKPGQAPVLVVYEDSGRPSGIPERFSGSNSGGTATLTISRVEAG
DEADYYCQEWDTSSDYPVFGGGTKVTVLGQPKAAPSVTLFPPSSEELQANKATLVCLISDFYPGAVTVAWKADSSPVKAG
VETTTPSKQSNNKYAASSYLSLTPEQWKSHRSYSCQVTHEGSTVEKTVAPTECS
;
L
#
# COMPACT_ATOMS: atom_id res chain seq x y z
N GLN A 1 9.93 -3.05 27.24
CA GLN A 1 9.06 -2.71 26.13
C GLN A 1 9.46 -3.68 25.05
N VAL A 2 8.55 -4.57 24.64
CA VAL A 2 8.87 -5.48 23.56
C VAL A 2 9.09 -4.66 22.29
N HIS A 3 10.16 -4.95 21.56
CA HIS A 3 10.41 -4.30 20.29
C HIS A 3 11.00 -5.30 19.30
N LEU A 4 10.44 -5.32 18.08
CA LEU A 4 10.88 -6.19 17.00
C LEU A 4 11.29 -5.34 15.81
N VAL A 5 12.46 -5.61 15.24
CA VAL A 5 13.10 -4.80 14.19
C VAL A 5 13.42 -5.72 13.02
N GLU A 6 12.74 -5.54 11.89
CA GLU A 6 13.06 -6.40 10.77
C GLU A 6 14.02 -5.71 9.78
N SER A 7 14.79 -6.53 9.08
CA SER A 7 15.67 -6.06 8.05
C SER A 7 15.86 -7.17 7.01
N GLY A 8 16.56 -6.84 5.92
CA GLY A 8 16.88 -7.81 4.90
C GLY A 8 15.97 -7.77 3.67
N GLY A 9 15.00 -6.87 3.64
CA GLY A 9 14.12 -6.75 2.49
C GLY A 9 14.89 -6.26 1.27
N GLY A 10 14.23 -6.35 0.12
CA GLY A 10 14.85 -5.89 -1.10
C GLY A 10 14.12 -6.39 -2.33
N VAL A 11 14.76 -6.17 -3.47
CA VAL A 11 14.19 -6.41 -4.78
C VAL A 11 15.04 -7.49 -5.45
N VAL A 12 14.41 -8.57 -5.89
CA VAL A 12 15.15 -9.64 -6.57
C VAL A 12 14.36 -10.14 -7.77
N GLN A 13 15.04 -10.93 -8.61
CA GLN A 13 14.37 -11.59 -9.72
C GLN A 13 13.93 -12.99 -9.32
N PRO A 14 12.92 -13.54 -9.98
CA PRO A 14 12.48 -14.90 -9.66
C PRO A 14 13.64 -15.91 -9.68
N GLY A 15 13.61 -16.82 -8.72
CA GLY A 15 14.60 -17.85 -8.56
C GLY A 15 15.70 -17.52 -7.58
N LYS A 16 15.85 -16.24 -7.25
CA LYS A 16 16.91 -15.81 -6.33
C LYS A 16 16.44 -15.97 -4.88
N SER A 17 17.33 -15.59 -3.95
CA SER A 17 17.14 -15.80 -2.52
C SER A 17 17.18 -14.47 -1.78
N LEU A 18 16.57 -14.44 -0.59
CA LEU A 18 16.59 -13.30 0.32
C LEU A 18 16.57 -13.87 1.72
N ARG A 19 17.26 -13.21 2.65
CA ARG A 19 17.21 -13.65 4.05
C ARG A 19 16.73 -12.49 4.91
N LEU A 20 15.53 -12.63 5.49
CA LEU A 20 15.02 -11.59 6.37
C LEU A 20 15.48 -11.83 7.80
N SER A 21 15.61 -10.76 8.57
CA SER A 21 15.99 -10.92 9.97
C SER A 21 15.01 -10.16 10.84
N CYS A 22 14.81 -10.70 12.05
CA CYS A 22 13.95 -10.07 13.06
C CYS A 22 14.78 -9.98 14.32
N ALA A 23 15.19 -8.76 14.70
CA ALA A 23 15.98 -8.51 15.89
C ALA A 23 15.06 -8.06 17.02
N ALA A 24 15.15 -8.75 18.14
CA ALA A 24 14.23 -8.62 19.26
C ALA A 24 14.90 -7.94 20.44
N SER A 25 14.10 -7.23 21.22
CA SER A 25 14.59 -6.66 22.46
C SER A 25 13.42 -6.42 23.39
N GLY A 26 13.75 -6.28 24.68
CA GLY A 26 12.77 -6.00 25.71
C GLY A 26 12.06 -7.20 26.28
N PHE A 27 12.46 -8.42 25.94
CA PHE A 27 11.92 -9.62 26.58
C PHE A 27 12.98 -10.71 26.58
N ILE A 28 12.71 -11.79 27.32
CA ILE A 28 13.63 -12.93 27.36
C ILE A 28 13.43 -13.70 26.06
N PHE A 29 14.35 -13.50 25.12
CA PHE A 29 14.20 -14.00 23.75
C PHE A 29 13.79 -15.47 23.72
N ASN A 30 14.52 -16.32 24.43
CA ASN A 30 14.32 -17.75 24.27
C ASN A 30 13.15 -18.28 25.05
N HIS A 31 12.28 -17.40 25.55
CA HIS A 31 11.01 -17.82 26.12
C HIS A 31 9.86 -17.69 25.15
N PHE A 32 10.10 -17.24 23.92
CA PHE A 32 8.99 -16.97 23.01
C PHE A 32 9.24 -17.48 21.58
N GLY A 33 8.18 -17.99 20.98
CA GLY A 33 8.27 -18.33 19.57
C GLY A 33 8.03 -17.09 18.72
N ILE A 34 8.53 -17.15 17.49
CA ILE A 34 8.47 -16.01 16.57
C ILE A 34 7.83 -16.47 15.26
N HIS A 35 6.91 -15.66 14.73
CA HIS A 35 6.15 -15.98 13.54
C HIS A 35 6.53 -15.02 12.42
N TRP A 36 6.24 -15.43 11.17
CA TRP A 36 6.28 -14.51 10.04
C TRP A 36 4.92 -14.54 9.36
N VAL A 37 4.41 -13.35 9.05
CA VAL A 37 3.12 -13.15 8.38
C VAL A 37 3.35 -12.14 7.28
N ARG A 38 2.80 -12.39 6.10
CA ARG A 38 3.04 -11.50 4.97
C ARG A 38 1.74 -11.01 4.38
N GLN A 39 1.88 -9.97 3.54
CA GLN A 39 0.73 -9.29 2.97
C GLN A 39 1.09 -8.87 1.55
N SER A 40 0.50 -9.52 0.58
CA SER A 40 0.68 -9.15 -0.82
C SER A 40 0.00 -7.82 -1.10
N PRO A 41 0.49 -7.09 -2.12
CA PRO A 41 -0.07 -5.77 -2.43
C PRO A 41 -1.58 -5.82 -2.53
N GLY A 42 -2.27 -5.03 -1.71
CA GLY A 42 -3.71 -4.94 -1.79
C GLY A 42 -4.53 -6.03 -1.10
N LYS A 43 -3.87 -7.06 -0.54
CA LYS A 43 -4.55 -8.26 -0.07
C LYS A 43 -4.41 -8.44 1.44
N GLY A 44 -5.01 -9.50 1.95
CA GLY A 44 -5.05 -9.68 3.40
C GLY A 44 -3.78 -10.35 3.93
N LEU A 45 -3.80 -10.59 5.24
CA LEU A 45 -2.68 -11.23 5.92
C LEU A 45 -2.61 -12.73 5.63
N GLU A 46 -1.38 -13.22 5.39
CA GLU A 46 -1.14 -14.63 5.12
C GLU A 46 -0.06 -15.13 6.06
N TRP A 47 -0.40 -16.07 6.96
CA TRP A 47 0.62 -16.64 7.83
C TRP A 47 1.66 -17.45 7.02
N VAL A 48 2.96 -17.35 7.41
CA VAL A 48 4.06 -17.89 6.64
C VAL A 48 4.82 -18.98 7.39
N ALA A 49 5.24 -18.70 8.63
CA ALA A 49 6.18 -19.60 9.31
C ALA A 49 6.18 -19.30 10.80
N VAL A 50 6.65 -20.30 11.56
CA VAL A 50 6.92 -20.13 12.99
C VAL A 50 8.15 -20.95 13.37
N ILE A 51 8.91 -20.41 14.32
CA ILE A 51 9.94 -21.18 15.02
C ILE A 51 9.62 -21.15 16.52
N TRP A 52 9.62 -22.33 17.15
CA TRP A 52 9.29 -22.46 18.56
C TRP A 52 10.32 -21.77 19.44
N TYR A 53 9.91 -21.48 20.69
CA TYR A 53 10.79 -20.76 21.59
C TYR A 53 12.15 -21.45 21.72
N ASP A 54 12.17 -22.78 21.73
CA ASP A 54 13.42 -23.53 21.90
C ASP A 54 13.98 -24.04 20.59
N GLY A 55 13.45 -23.58 19.47
CA GLY A 55 13.87 -24.04 18.15
C GLY A 55 13.53 -25.48 17.83
N SER A 56 12.76 -26.15 18.68
CA SER A 56 12.47 -27.57 18.53
C SER A 56 11.42 -27.87 17.46
N LYS A 57 10.63 -26.89 17.04
CA LYS A 57 9.63 -27.09 16.01
C LYS A 57 9.67 -25.89 15.09
N LYS A 58 9.51 -26.13 13.80
CA LYS A 58 9.47 -25.13 12.75
C LYS A 58 8.37 -25.54 11.80
N TYR A 59 7.46 -24.63 11.50
CA TYR A 59 6.35 -24.94 10.61
C TYR A 59 6.24 -23.86 9.54
N PHE A 60 5.76 -24.27 8.36
CA PHE A 60 5.65 -23.37 7.21
C PHE A 60 4.30 -23.56 6.52
N ALA A 61 3.78 -22.45 5.98
CA ALA A 61 2.58 -22.51 5.14
C ALA A 61 2.83 -23.39 3.92
N ASP A 62 1.77 -24.05 3.44
CA ASP A 62 1.94 -24.85 2.22
C ASP A 62 2.54 -24.03 1.08
N SER A 63 2.19 -22.75 1.00
CA SER A 63 2.59 -21.93 -0.14
C SER A 63 4.10 -21.71 -0.23
N VAL A 64 4.83 -21.97 0.87
CA VAL A 64 6.26 -21.72 0.91
C VAL A 64 7.05 -22.93 1.37
N LYS A 65 6.40 -24.06 1.69
CA LYS A 65 7.09 -25.28 2.09
C LYS A 65 8.10 -25.76 1.07
N GLY A 66 9.28 -26.11 1.56
CA GLY A 66 10.36 -26.57 0.73
C GLY A 66 11.24 -25.47 0.20
N ARG A 67 10.75 -24.25 0.21
CA ARG A 67 11.51 -23.11 -0.27
C ARG A 67 12.03 -22.20 0.84
N PHE A 68 11.35 -22.14 1.98
CA PHE A 68 11.72 -21.25 3.07
C PHE A 68 12.30 -22.08 4.21
N SER A 69 13.26 -21.51 4.93
CA SER A 69 13.73 -22.12 6.17
C SER A 69 13.80 -21.03 7.24
N ILE A 70 13.89 -21.45 8.51
CA ILE A 70 13.89 -20.49 9.61
C ILE A 70 14.87 -20.95 10.67
N SER A 71 15.52 -19.99 11.32
CA SER A 71 16.49 -20.27 12.37
C SER A 71 16.46 -19.15 13.39
N ARG A 72 17.00 -19.43 14.58
CA ARG A 72 17.12 -18.40 15.60
C ARG A 72 18.50 -18.46 16.22
N ASP A 73 19.05 -17.29 16.52
CA ASP A 73 20.37 -17.16 17.14
C ASP A 73 20.15 -16.47 18.48
N ASN A 74 20.03 -17.25 19.55
CA ASN A 74 19.76 -16.61 20.85
C ASN A 74 20.88 -15.69 21.29
N SER A 75 22.11 -15.88 20.78
CA SER A 75 23.19 -14.98 21.14
C SER A 75 22.91 -13.56 20.68
N GLN A 76 22.23 -13.41 19.55
CA GLN A 76 21.98 -12.12 18.94
C GLN A 76 20.52 -11.71 19.00
N ASN A 77 19.69 -12.49 19.69
CA ASN A 77 18.27 -12.16 19.84
C ASN A 77 17.63 -11.93 18.48
N THR A 78 17.98 -12.76 17.51
CA THR A 78 17.53 -12.58 16.14
C THR A 78 16.96 -13.86 15.54
N VAL A 79 15.90 -13.73 14.72
CA VAL A 79 15.32 -14.83 13.94
C VAL A 79 15.60 -14.52 12.47
N TYR A 80 15.94 -15.56 11.69
CA TYR A 80 16.24 -15.43 10.27
C TYR A 80 15.25 -16.27 9.48
N LEU A 81 14.61 -15.67 8.47
CA LEU A 81 13.75 -16.37 7.52
C LEU A 81 14.49 -16.42 6.19
N GLN A 82 14.97 -17.59 5.81
CA GLN A 82 15.69 -17.79 4.56
C GLN A 82 14.68 -18.12 3.45
N MET A 83 14.59 -17.27 2.42
CA MET A 83 13.63 -17.48 1.35
C MET A 83 14.39 -17.82 0.08
N ASN A 84 14.28 -19.06 -0.39
CA ASN A 84 14.91 -19.50 -1.63
C ASN A 84 13.89 -19.72 -2.74
N SER A 85 14.40 -19.78 -3.98
CA SER A 85 13.58 -19.99 -5.18
C SER A 85 12.35 -19.08 -5.17
N LEU A 86 12.59 -17.78 -4.98
CA LEU A 86 11.47 -16.85 -4.85
C LEU A 86 10.67 -16.76 -6.14
N ARG A 87 9.36 -16.55 -5.98
CA ARG A 87 8.44 -16.42 -7.09
C ARG A 87 7.83 -15.03 -7.09
N THR A 88 7.29 -14.59 -8.21
CA THR A 88 6.68 -13.28 -8.19
C THR A 88 5.57 -13.21 -7.13
N GLU A 89 4.84 -14.30 -6.90
CA GLU A 89 3.73 -14.21 -5.96
C GLU A 89 4.20 -14.11 -4.49
N ASP A 90 5.50 -14.26 -4.23
CA ASP A 90 6.05 -14.01 -2.90
C ASP A 90 6.24 -12.54 -2.60
N THR A 91 6.03 -11.65 -3.56
CA THR A 91 6.06 -10.21 -3.33
C THR A 91 5.08 -9.80 -2.26
N ALA A 92 5.58 -9.14 -1.22
CA ALA A 92 4.73 -8.86 -0.05
C ALA A 92 5.52 -8.04 0.94
N VAL A 93 4.81 -7.44 1.88
CA VAL A 93 5.44 -6.94 3.09
C VAL A 93 5.44 -8.10 4.06
N TYR A 94 6.61 -8.40 4.62
CA TYR A 94 6.77 -9.50 5.57
C TYR A 94 6.91 -8.96 6.99
N TYR A 95 6.02 -9.39 7.89
CA TYR A 95 6.07 -8.98 9.30
C TYR A 95 6.56 -10.13 10.17
N CYS A 96 7.47 -9.86 11.09
CA CYS A 96 7.67 -10.83 12.15
C CYS A 96 6.80 -10.44 13.35
N ALA A 97 6.51 -11.43 14.19
CA ALA A 97 5.62 -11.21 15.31
C ALA A 97 5.95 -12.20 16.43
N ARG A 98 5.83 -11.74 17.66
CA ARG A 98 6.02 -12.61 18.81
C ARG A 98 4.70 -13.27 19.18
N GLU A 99 4.76 -14.55 19.50
CA GLU A 99 3.60 -15.25 20.03
C GLU A 99 3.65 -15.21 21.55
N ARG A 100 2.48 -15.02 22.19
CA ARG A 100 2.46 -14.87 23.64
C ARG A 100 2.84 -16.16 24.38
N TRP A 101 2.31 -17.30 23.94
CA TRP A 101 2.46 -18.57 24.63
C TRP A 101 3.14 -19.56 23.69
N SER A 102 3.41 -20.76 24.21
CA SER A 102 4.22 -21.75 23.48
C SER A 102 3.33 -22.51 22.49
N GLY A 103 2.91 -21.81 21.45
CA GLY A 103 2.06 -22.40 20.43
C GLY A 103 0.58 -22.31 20.76
N HIS A 104 -0.23 -22.38 19.70
CA HIS A 104 -1.69 -22.42 19.79
C HIS A 104 -2.28 -21.16 20.43
N SER A 105 -1.59 -20.02 20.32
CA SER A 105 -2.13 -18.82 20.93
C SER A 105 -2.21 -17.69 19.88
N TYR A 106 -1.64 -16.52 20.19
CA TYR A 106 -1.91 -15.28 19.45
C TYR A 106 -0.62 -14.47 19.38
N LEU A 107 -0.61 -13.45 18.52
CA LEU A 107 0.63 -12.73 18.21
C LEU A 107 0.53 -11.35 18.85
N ASP A 108 1.28 -11.14 19.92
CA ASP A 108 1.00 -9.95 20.73
C ASP A 108 1.82 -8.74 20.35
N TYR A 109 2.92 -8.91 19.62
CA TYR A 109 3.75 -7.79 19.19
C TYR A 109 4.21 -8.08 17.78
N TRP A 110 4.16 -7.05 16.94
CA TRP A 110 4.48 -7.15 15.52
C TRP A 110 5.57 -6.16 15.15
N GLY A 111 6.49 -6.59 14.29
CA GLY A 111 7.47 -5.71 13.71
C GLY A 111 6.82 -4.77 12.69
N HIS A 112 7.62 -3.86 12.16
CA HIS A 112 7.05 -2.86 11.27
C HIS A 112 7.02 -3.32 9.82
N GLY A 113 7.67 -4.40 9.50
CA GLY A 113 7.53 -4.90 8.14
C GLY A 113 8.82 -4.75 7.33
N ALA A 114 9.06 -5.72 6.46
CA ALA A 114 10.15 -5.65 5.48
C ALA A 114 9.55 -5.88 4.11
N LEU A 115 9.86 -5.00 3.16
CA LEU A 115 9.33 -5.08 1.81
C LEU A 115 10.17 -6.03 0.95
N VAL A 116 9.51 -7.00 0.31
CA VAL A 116 10.14 -7.96 -0.58
C VAL A 116 9.44 -7.88 -1.93
N THR A 117 10.18 -7.57 -2.98
CA THR A 117 9.63 -7.41 -4.32
C THR A 117 10.33 -8.42 -5.20
N VAL A 118 9.58 -9.33 -5.81
CA VAL A 118 10.14 -10.35 -6.70
C VAL A 118 9.59 -10.05 -8.08
N SER A 119 10.45 -9.64 -9.01
CA SER A 119 9.96 -9.22 -10.31
C SER A 119 10.97 -9.58 -11.39
N SER A 120 10.48 -9.90 -12.60
CA SER A 120 11.45 -10.14 -13.66
C SER A 120 11.98 -8.85 -14.27
N ALA A 121 11.48 -7.68 -13.85
CA ALA A 121 11.98 -6.41 -14.35
C ALA A 121 13.43 -6.21 -13.96
N SER A 122 14.14 -5.43 -14.78
CA SER A 122 15.54 -5.10 -14.52
C SER A 122 15.67 -3.62 -14.14
N THR A 123 16.64 -3.34 -13.25
CA THR A 123 16.90 -1.96 -12.85
C THR A 123 16.97 -1.05 -14.07
N LYS A 124 16.26 0.09 -14.00
CA LYS A 124 16.20 1.04 -15.10
C LYS A 124 15.94 2.45 -14.57
N GLY A 125 16.82 3.40 -14.91
CA GLY A 125 16.56 4.78 -14.53
C GLY A 125 15.41 5.41 -15.30
N PRO A 126 14.83 6.47 -14.75
CA PRO A 126 13.64 7.07 -15.37
C PRO A 126 13.96 7.93 -16.56
N SER A 127 12.97 8.04 -17.44
CA SER A 127 12.96 9.10 -18.46
C SER A 127 12.13 10.24 -17.89
N VAL A 128 12.72 11.43 -17.75
CA VAL A 128 12.03 12.55 -17.11
C VAL A 128 11.61 13.54 -18.20
N PHE A 129 10.34 13.91 -18.18
CA PHE A 129 9.79 14.81 -19.16
C PHE A 129 9.14 16.00 -18.47
N PRO A 130 9.28 17.21 -18.99
CA PRO A 130 8.60 18.35 -18.36
C PRO A 130 7.12 18.30 -18.66
N LEU A 131 6.33 18.78 -17.71
CA LEU A 131 4.89 18.99 -17.85
C LEU A 131 4.71 20.51 -17.81
N ALA A 132 4.71 21.11 -18.99
CA ALA A 132 4.91 22.55 -19.08
C ALA A 132 3.67 23.30 -18.61
N PRO A 133 3.84 24.49 -18.05
CA PRO A 133 2.67 25.28 -17.71
C PRO A 133 2.06 25.77 -19.01
N SER A 134 0.74 25.75 -19.07
CA SER A 134 0.03 26.07 -20.31
C SER A 134 -1.02 27.15 -20.08
N SER A 135 -2.28 26.79 -20.28
CA SER A 135 -3.39 27.72 -20.15
C SER A 135 -4.64 26.94 -19.75
N SER A 139 -5.13 28.19 -13.80
CA SER A 139 -6.44 28.46 -13.21
C SER A 139 -6.42 29.56 -12.12
N GLY A 140 -7.00 30.73 -12.44
CA GLY A 140 -7.17 31.78 -11.46
C GLY A 140 -5.89 32.41 -10.94
N GLY A 141 -5.00 32.82 -11.85
CA GLY A 141 -3.76 33.49 -11.48
C GLY A 141 -2.63 32.56 -11.12
N THR A 142 -2.90 31.27 -10.94
CA THR A 142 -1.87 30.28 -10.64
C THR A 142 -1.77 29.29 -11.79
N ALA A 143 -0.57 28.73 -11.95
CA ALA A 143 -0.24 27.82 -13.03
C ALA A 143 0.25 26.52 -12.44
N ALA A 144 -0.12 25.40 -13.05
CA ALA A 144 0.38 24.10 -12.64
C ALA A 144 1.47 23.68 -13.61
N LEU A 145 2.62 23.27 -13.08
CA LEU A 145 3.66 22.71 -13.94
C LEU A 145 4.21 21.50 -13.21
N GLY A 146 4.93 20.64 -13.91
CA GLY A 146 5.36 19.43 -13.23
C GLY A 146 6.40 18.69 -14.01
N CYS A 147 6.73 17.50 -13.53
CA CYS A 147 7.54 16.60 -14.33
C CYS A 147 7.00 15.17 -14.21
N LEU A 148 7.11 14.49 -15.35
CA LEU A 148 6.67 13.12 -15.52
C LEU A 148 7.91 12.23 -15.41
N VAL A 149 7.91 11.32 -14.46
CA VAL A 149 9.04 10.43 -14.21
C VAL A 149 8.66 9.05 -14.75
N LYS A 150 9.11 8.71 -15.96
CA LYS A 150 8.50 7.61 -16.71
C LYS A 150 9.39 6.38 -16.76
N ASP A 151 8.78 5.20 -16.58
CA ASP A 151 9.38 3.90 -16.91
C ASP A 151 10.68 3.65 -16.14
N TYR A 152 10.59 3.62 -14.80
CA TYR A 152 11.75 3.28 -13.98
C TYR A 152 11.50 2.01 -13.16
N PHE A 153 12.60 1.43 -12.64
CA PHE A 153 12.47 0.24 -11.81
C PHE A 153 13.76 0.08 -11.03
N PRO A 154 13.71 -0.28 -9.73
CA PRO A 154 12.52 -0.47 -8.88
C PRO A 154 12.13 0.82 -8.20
N GLU A 155 11.11 0.81 -7.32
CA GLU A 155 10.96 1.90 -6.38
C GLU A 155 12.17 1.98 -5.45
N PRO A 156 12.41 3.14 -4.84
CA PRO A 156 11.66 4.40 -4.92
C PRO A 156 12.35 5.46 -5.76
N VAL A 157 11.57 6.51 -6.03
CA VAL A 157 12.06 7.74 -6.61
C VAL A 157 11.69 8.86 -5.64
N THR A 158 12.56 9.84 -5.50
CA THR A 158 12.21 11.05 -4.76
C THR A 158 12.26 12.25 -5.69
N VAL A 159 11.42 13.25 -5.40
CA VAL A 159 11.39 14.46 -6.23
C VAL A 159 11.44 15.67 -5.32
N SER A 160 12.32 16.61 -5.64
CA SER A 160 12.31 17.93 -5.03
C SER A 160 12.18 18.95 -6.15
N TRP A 161 11.94 20.22 -5.78
CA TRP A 161 11.90 21.30 -6.76
C TRP A 161 12.90 22.36 -6.36
N ASN A 162 13.65 22.88 -7.36
CA ASN A 162 14.63 23.94 -7.13
C ASN A 162 15.56 23.58 -5.98
N SER A 163 16.02 22.33 -6.00
CA SER A 163 16.96 21.78 -5.00
C SER A 163 16.45 21.90 -3.58
N GLY A 164 15.14 21.86 -3.39
CA GLY A 164 14.56 21.94 -2.07
C GLY A 164 14.10 23.32 -1.65
N ALA A 165 14.45 24.36 -2.41
CA ALA A 165 14.00 25.71 -2.12
C ALA A 165 12.51 25.92 -2.38
N LEU A 166 11.90 25.11 -3.24
CA LEU A 166 10.48 25.23 -3.56
C LEU A 166 9.74 24.06 -2.93
N THR A 167 8.96 24.36 -1.89
CA THR A 167 8.26 23.32 -1.15
C THR A 167 6.76 23.53 -1.07
N SER A 168 6.29 24.78 -1.03
CA SER A 168 4.86 25.02 -0.92
C SER A 168 4.19 24.81 -2.28
N GLY A 169 3.02 24.19 -2.24
CA GLY A 169 2.27 23.86 -3.43
C GLY A 169 2.81 22.72 -4.25
N VAL A 170 3.74 21.92 -3.70
CA VAL A 170 4.28 20.74 -4.37
C VAL A 170 3.46 19.53 -3.99
N HIS A 171 3.07 18.74 -4.99
CA HIS A 171 2.38 17.48 -4.75
C HIS A 171 3.00 16.41 -5.65
N THR A 172 3.69 15.48 -5.01
CA THR A 172 4.33 14.36 -5.70
C THR A 172 3.45 13.14 -5.48
N PHE A 173 2.96 12.55 -6.58
CA PHE A 173 1.97 11.50 -6.54
C PHE A 173 2.62 10.14 -6.41
N PRO A 174 1.95 9.20 -5.73
CA PRO A 174 2.45 7.82 -5.69
C PRO A 174 2.53 7.26 -7.10
N ALA A 175 3.50 6.37 -7.30
CA ALA A 175 3.71 5.81 -8.63
C ALA A 175 2.63 4.79 -9.01
N VAL A 176 2.49 4.62 -10.29
CA VAL A 176 1.69 3.54 -10.86
C VAL A 176 2.63 2.43 -11.34
N LEU A 177 2.25 1.18 -11.10
CA LEU A 177 3.00 0.06 -11.65
C LEU A 177 2.30 -0.36 -12.94
N GLN A 178 3.02 -0.28 -14.06
CA GLN A 178 2.45 -0.54 -15.38
C GLN A 178 2.58 -2.01 -15.80
N SER A 179 1.82 -2.38 -16.84
CA SER A 179 1.84 -3.75 -17.36
C SER A 179 3.20 -4.17 -17.86
N SER A 180 4.07 -3.21 -18.19
CA SER A 180 5.45 -3.46 -18.55
C SER A 180 6.32 -3.91 -17.39
N GLY A 181 5.83 -3.81 -16.16
CA GLY A 181 6.61 -4.06 -14.98
C GLY A 181 7.40 -2.87 -14.51
N LEU A 182 7.35 -1.74 -15.21
CA LEU A 182 8.04 -0.54 -14.78
C LEU A 182 7.07 0.42 -14.12
N TYR A 183 7.62 1.39 -13.39
CA TYR A 183 6.82 2.39 -12.70
C TYR A 183 6.86 3.73 -13.41
N SER A 184 5.84 4.56 -13.13
CA SER A 184 5.84 5.97 -13.53
C SER A 184 5.23 6.77 -12.41
N LEU A 185 5.72 7.99 -12.20
CA LEU A 185 5.04 8.88 -11.26
C LEU A 185 5.17 10.30 -11.75
N SER A 186 4.43 11.21 -11.11
CA SER A 186 4.47 12.61 -11.51
C SER A 186 4.55 13.47 -10.26
N SER A 187 5.15 14.64 -10.43
CA SER A 187 5.20 15.66 -9.40
C SER A 187 4.75 16.97 -10.02
N VAL A 188 3.90 17.71 -9.33
CA VAL A 188 3.33 18.93 -9.87
C VAL A 188 3.45 20.01 -8.79
N VAL A 189 3.69 21.23 -9.20
CA VAL A 189 3.71 22.34 -8.27
C VAL A 189 2.82 23.45 -8.84
N THR A 190 2.14 24.17 -7.95
CA THR A 190 1.34 25.30 -8.38
C THR A 190 2.07 26.58 -7.99
N VAL A 191 2.25 27.47 -8.97
CA VAL A 191 3.01 28.70 -8.77
C VAL A 191 2.26 29.90 -9.32
N PRO A 192 2.67 31.13 -8.99
CA PRO A 192 2.01 32.30 -9.60
C PRO A 192 2.26 32.35 -11.10
N SER A 193 1.17 32.56 -11.85
CA SER A 193 1.32 32.78 -13.28
C SER A 193 2.34 33.86 -13.59
N SER A 194 2.35 34.93 -12.79
CA SER A 194 3.25 36.05 -13.06
C SER A 194 4.72 35.66 -12.94
N SER A 195 5.03 34.55 -12.26
CA SER A 195 6.41 34.15 -12.04
C SER A 195 7.00 33.36 -13.20
N LEU A 196 6.18 32.97 -14.18
CA LEU A 196 6.65 32.05 -15.21
C LEU A 196 7.70 32.68 -16.11
N GLY A 197 7.72 34.01 -16.21
CA GLY A 197 8.75 34.66 -17.00
C GLY A 197 10.01 35.02 -16.25
N THR A 198 9.98 34.96 -14.92
CA THR A 198 11.10 35.45 -14.12
C THR A 198 11.71 34.40 -13.20
N GLN A 199 11.05 33.26 -12.98
CA GLN A 199 11.55 32.29 -12.04
C GLN A 199 11.79 30.98 -12.76
N THR A 200 12.95 30.37 -12.51
CA THR A 200 13.26 29.07 -13.09
C THR A 200 12.69 27.95 -12.22
N TYR A 201 12.12 26.93 -12.87
CA TYR A 201 11.57 25.78 -12.18
C TYR A 201 12.29 24.54 -12.68
N ILE A 202 12.89 23.80 -11.75
CA ILE A 202 13.64 22.59 -12.07
C ILE A 202 13.21 21.51 -11.11
N CYS A 203 12.79 20.38 -11.64
CA CYS A 203 12.51 19.25 -10.77
C CYS A 203 13.74 18.36 -10.64
N ASN A 204 14.05 17.97 -9.42
CA ASN A 204 15.22 17.13 -9.10
C ASN A 204 14.71 15.74 -8.76
N VAL A 205 14.94 14.79 -9.67
CA VAL A 205 14.47 13.41 -9.57
C VAL A 205 15.64 12.54 -9.18
N ASN A 206 15.54 11.83 -8.05
CA ASN A 206 16.59 10.94 -7.60
C ASN A 206 16.07 9.50 -7.66
N HIS A 207 16.78 8.66 -8.40
CA HIS A 207 16.52 7.23 -8.43
C HIS A 207 17.79 6.52 -7.94
N LYS A 208 17.89 6.35 -6.63
CA LYS A 208 19.07 5.72 -6.05
C LYS A 208 19.33 4.32 -6.60
N PRO A 209 18.32 3.47 -6.84
CA PRO A 209 18.64 2.11 -7.29
C PRO A 209 19.41 2.05 -8.60
N SER A 210 19.30 3.07 -9.47
CA SER A 210 20.13 3.12 -10.66
C SER A 210 21.22 4.18 -10.59
N ASN A 211 21.48 4.73 -9.41
CA ASN A 211 22.47 5.79 -9.26
C ASN A 211 22.27 6.90 -10.27
N THR A 212 21.01 7.29 -10.48
CA THR A 212 20.68 8.33 -11.45
C THR A 212 19.99 9.50 -10.74
N LYS A 213 20.38 10.71 -11.11
CA LYS A 213 19.66 11.92 -10.73
C LYS A 213 19.39 12.71 -12.00
N VAL A 214 18.19 13.27 -12.14
CA VAL A 214 17.87 14.09 -13.29
C VAL A 214 17.31 15.42 -12.80
N ASP A 215 17.87 16.54 -13.26
CA ASP A 215 17.30 17.85 -12.98
C ASP A 215 16.73 18.41 -14.26
N LYS A 216 15.41 18.41 -14.34
CA LYS A 216 14.71 18.81 -15.56
C LYS A 216 14.17 20.23 -15.42
N LYS A 217 14.60 21.11 -16.33
CA LYS A 217 14.03 22.44 -16.41
C LYS A 217 12.65 22.36 -17.03
N VAL A 218 11.68 23.03 -16.41
CA VAL A 218 10.30 23.01 -16.91
C VAL A 218 9.97 24.40 -17.41
N GLU A 219 9.76 24.53 -18.72
CA GLU A 219 9.54 25.80 -19.43
C GLU A 219 10.86 26.48 -19.74
N SER B 1 -9.04 -28.25 6.11
CA SER B 1 -8.78 -27.64 7.41
C SER B 1 -9.82 -26.56 7.71
N ASN B 2 -9.69 -25.93 8.87
CA ASN B 2 -10.67 -24.94 9.31
C ASN B 2 -10.50 -23.61 8.57
N VAL B 3 -11.62 -22.97 8.29
CA VAL B 3 -11.63 -21.64 7.71
C VAL B 3 -12.41 -20.72 8.63
N LEU B 4 -11.97 -19.48 8.76
CA LEU B 4 -12.74 -18.45 9.45
C LEU B 4 -13.34 -17.50 8.42
N THR B 5 -14.62 -17.21 8.56
CA THR B 5 -15.33 -16.39 7.59
C THR B 5 -15.78 -15.08 8.24
N GLN B 6 -15.38 -13.95 7.65
CA GLN B 6 -15.80 -12.63 8.08
C GLN B 6 -16.44 -11.90 6.91
N PRO B 7 -17.33 -10.94 7.16
CA PRO B 7 -17.86 -10.10 6.08
C PRO B 7 -16.73 -9.27 5.49
N PRO B 8 -16.76 -9.01 4.18
CA PRO B 8 -15.66 -8.22 3.59
C PRO B 8 -15.63 -6.78 4.05
N SER B 9 -16.78 -6.21 4.41
CA SER B 9 -16.81 -4.77 4.69
C SER B 9 -18.00 -4.43 5.56
N VAL B 10 -17.82 -3.37 6.35
CA VAL B 10 -18.82 -2.83 7.26
C VAL B 10 -18.69 -1.32 7.19
N SER B 11 -19.83 -0.64 7.02
CA SER B 11 -19.91 0.81 7.06
C SER B 11 -20.68 1.24 8.30
N VAL B 12 -20.21 2.30 8.97
CA VAL B 12 -20.82 2.72 10.22
C VAL B 12 -20.64 4.22 10.35
N ALA B 13 -21.68 4.91 10.86
CA ALA B 13 -21.63 6.35 11.06
C ALA B 13 -20.90 6.67 12.37
N PRO B 14 -20.10 7.74 12.40
CA PRO B 14 -19.40 8.09 13.65
C PRO B 14 -20.35 8.19 14.83
N GLY B 15 -19.97 7.53 15.93
CA GLY B 15 -20.79 7.43 17.11
C GLY B 15 -21.63 6.18 17.20
N GLN B 16 -21.84 5.48 16.10
CA GLN B 16 -22.63 4.26 16.16
C GLN B 16 -21.71 3.07 16.47
N THR B 17 -22.30 1.89 16.59
CA THR B 17 -21.58 0.67 16.95
C THR B 17 -21.39 -0.20 15.72
N ALA B 18 -20.14 -0.58 15.45
CA ALA B 18 -19.81 -1.56 14.43
C ALA B 18 -19.72 -2.95 15.08
N ARG B 19 -20.24 -3.96 14.37
CA ARG B 19 -20.15 -5.35 14.82
C ARG B 19 -19.62 -6.17 13.65
N ILE B 20 -18.50 -6.85 13.90
CA ILE B 20 -17.81 -7.69 12.91
C ILE B 20 -17.93 -9.12 13.38
N SER B 21 -18.54 -9.98 12.55
CA SER B 21 -18.69 -11.38 12.91
C SER B 21 -17.54 -12.23 12.36
N CYS B 22 -17.31 -13.33 13.05
CA CYS B 22 -16.29 -14.28 12.63
C CYS B 22 -16.92 -15.65 12.85
N GLY B 23 -17.16 -16.37 11.75
CA GLY B 23 -17.81 -17.68 11.82
C GLY B 23 -16.78 -18.77 11.57
N GLY B 24 -17.02 -19.93 12.14
CA GLY B 24 -16.15 -21.08 11.94
C GLY B 24 -16.73 -22.22 12.71
N ASN B 25 -16.03 -23.34 12.75
CA ASN B 25 -16.64 -24.51 13.34
C ASN B 25 -16.23 -24.64 14.79
N ASN B 26 -17.23 -24.91 15.61
CA ASN B 26 -17.04 -25.23 17.02
C ASN B 26 -16.27 -24.13 17.77
N LEU B 27 -16.70 -22.88 17.57
CA LEU B 27 -15.98 -21.78 18.23
C LEU B 27 -16.28 -21.71 19.72
N GLU B 28 -17.32 -22.41 20.20
CA GLU B 28 -17.51 -22.58 21.65
C GLU B 28 -16.27 -23.12 22.32
N SER B 29 -15.53 -23.98 21.62
CA SER B 29 -14.42 -24.75 22.15
C SER B 29 -13.05 -24.15 21.81
N LYS B 30 -12.99 -22.98 21.18
CA LYS B 30 -11.72 -22.42 20.75
C LYS B 30 -11.66 -20.93 21.10
N TYR B 31 -10.43 -20.46 21.33
CA TYR B 31 -10.23 -19.02 21.46
C TYR B 31 -10.22 -18.35 20.10
N VAL B 32 -10.80 -17.16 20.03
CA VAL B 32 -10.67 -16.32 18.83
C VAL B 32 -10.00 -15.00 19.23
N HIS B 33 -8.98 -14.60 18.45
CA HIS B 33 -8.22 -13.38 18.65
C HIS B 33 -8.50 -12.45 17.48
N TRP B 34 -8.32 -11.14 17.70
CA TRP B 34 -8.53 -10.13 16.66
C TRP B 34 -7.33 -9.18 16.53
N TYR B 35 -7.08 -8.76 15.28
CA TYR B 35 -6.02 -7.80 14.93
C TYR B 35 -6.65 -6.66 14.14
N GLN B 36 -6.11 -5.46 14.35
CA GLN B 36 -6.43 -4.24 13.60
C GLN B 36 -5.26 -3.86 12.70
N GLN B 37 -5.53 -3.48 11.46
CA GLN B 37 -4.48 -2.97 10.61
C GLN B 37 -4.96 -1.70 9.92
N LYS B 38 -4.40 -0.58 10.31
CA LYS B 38 -4.69 0.67 9.63
C LYS B 38 -3.84 0.79 8.37
N PRO B 39 -4.31 1.55 7.39
CA PRO B 39 -3.60 1.59 6.11
C PRO B 39 -2.15 2.04 6.31
N GLY B 40 -1.23 1.31 5.71
CA GLY B 40 0.19 1.62 5.77
C GLY B 40 0.89 1.29 7.08
N GLN B 41 0.22 0.63 8.03
CA GLN B 41 0.81 0.27 9.31
C GLN B 41 0.83 -1.24 9.46
N ALA B 42 1.65 -1.71 10.41
CA ALA B 42 1.65 -3.10 10.81
C ALA B 42 0.38 -3.44 11.60
N PRO B 43 -0.02 -4.71 11.59
CA PRO B 43 -1.17 -5.15 12.41
C PRO B 43 -0.88 -4.99 13.89
N VAL B 44 -1.95 -4.78 14.67
CA VAL B 44 -1.90 -4.70 16.13
C VAL B 44 -2.93 -5.65 16.71
N LEU B 45 -2.55 -6.35 17.78
CA LEU B 45 -3.53 -7.16 18.52
C LEU B 45 -4.53 -6.26 19.20
N VAL B 46 -5.83 -6.53 18.98
CA VAL B 46 -6.86 -5.75 19.65
C VAL B 46 -7.81 -6.60 20.49
N VAL B 47 -7.82 -7.94 20.35
CA VAL B 47 -8.54 -8.81 21.29
C VAL B 47 -7.73 -10.08 21.41
N TYR B 48 -7.56 -10.59 22.63
CA TYR B 48 -6.98 -11.91 22.81
C TYR B 48 -7.90 -12.80 23.61
N GLU B 49 -7.90 -14.10 23.28
CA GLU B 49 -8.66 -15.09 24.03
C GLU B 49 -10.13 -14.67 24.23
N ASP B 50 -10.76 -14.41 23.08
CA ASP B 50 -12.19 -14.11 22.92
C ASP B 50 -12.55 -12.70 23.38
N SER B 51 -12.14 -12.30 24.60
CA SER B 51 -12.60 -11.03 25.12
C SER B 51 -11.52 -10.23 25.84
N GLY B 52 -10.28 -10.69 25.83
CA GLY B 52 -9.24 -9.95 26.55
C GLY B 52 -8.84 -8.71 25.78
N ARG B 53 -8.61 -7.62 26.52
CA ARG B 53 -8.26 -6.35 25.90
C ARG B 53 -6.78 -6.07 26.10
N PRO B 54 -6.00 -6.06 25.04
CA PRO B 54 -4.57 -5.81 25.14
C PRO B 54 -4.29 -4.40 25.62
N SER B 55 -3.09 -4.23 26.19
CA SER B 55 -2.62 -2.91 26.55
C SER B 55 -2.65 -1.98 25.34
N GLY B 56 -3.13 -0.75 25.56
CA GLY B 56 -3.12 0.30 24.56
C GLY B 56 -4.33 0.32 23.64
N ILE B 57 -5.28 -0.56 23.84
CA ILE B 57 -6.46 -0.68 22.97
C ILE B 57 -7.61 0.05 23.66
N PRO B 58 -8.38 0.89 22.94
CA PRO B 58 -9.46 1.61 23.63
C PRO B 58 -10.52 0.68 24.19
N GLU B 59 -11.17 1.13 25.28
CA GLU B 59 -12.19 0.32 25.91
C GLU B 59 -13.42 0.14 25.04
N ARG B 60 -13.57 0.97 24.00
CA ARG B 60 -14.65 0.85 23.02
C ARG B 60 -14.55 -0.41 22.20
N PHE B 61 -13.39 -1.06 22.15
CA PHE B 61 -13.23 -2.32 21.41
C PHE B 61 -13.47 -3.49 22.35
N SER B 62 -14.44 -4.34 22.00
CA SER B 62 -14.79 -5.46 22.87
C SER B 62 -15.00 -6.72 22.06
N GLY B 63 -14.25 -7.77 22.38
CA GLY B 63 -14.44 -9.05 21.74
C GLY B 63 -15.40 -9.93 22.53
N SER B 64 -16.09 -10.82 21.82
CA SER B 64 -16.93 -11.78 22.50
C SER B 64 -16.98 -13.07 21.68
N ASN B 65 -17.25 -14.18 22.33
CA ASN B 65 -17.34 -15.46 21.62
C ASN B 65 -18.47 -16.21 22.33
N SER B 66 -19.62 -16.26 21.68
CA SER B 66 -20.85 -16.74 22.30
C SER B 66 -21.73 -17.40 21.25
N GLY B 67 -22.38 -18.49 21.63
CA GLY B 67 -23.28 -19.17 20.71
C GLY B 67 -22.64 -19.66 19.44
N GLY B 68 -21.31 -19.87 19.45
CA GLY B 68 -20.60 -20.34 18.28
C GLY B 68 -20.11 -19.29 17.32
N THR B 69 -20.35 -18.00 17.59
CA THR B 69 -19.87 -16.91 16.74
C THR B 69 -19.03 -15.95 17.54
N ALA B 70 -17.93 -15.52 16.95
CA ALA B 70 -17.09 -14.52 17.62
C ALA B 70 -17.39 -13.18 17.02
N THR B 71 -17.39 -12.14 17.84
CA THR B 71 -17.75 -10.82 17.35
C THR B 71 -16.80 -9.79 17.93
N LEU B 72 -16.34 -8.86 17.09
CA LEU B 72 -15.67 -7.68 17.57
C LEU B 72 -16.68 -6.53 17.53
N THR B 73 -16.94 -5.93 18.68
CA THR B 73 -17.87 -4.81 18.73
C THR B 73 -17.06 -3.55 18.97
N ILE B 74 -17.18 -2.57 18.09
CA ILE B 74 -16.57 -1.28 18.31
C ILE B 74 -17.70 -0.30 18.64
N SER B 75 -17.73 0.15 19.88
CA SER B 75 -18.72 1.13 20.31
C SER B 75 -18.24 2.55 20.02
N ARG B 76 -19.20 3.47 19.87
CA ARG B 76 -18.92 4.89 19.63
C ARG B 76 -17.79 5.10 18.63
N VAL B 77 -18.03 4.61 17.40
CA VAL B 77 -16.99 4.59 16.38
C VAL B 77 -16.41 5.99 16.14
N GLU B 78 -15.09 6.06 16.03
CA GLU B 78 -14.39 7.25 15.59
C GLU B 78 -13.78 7.06 14.21
N ALA B 79 -13.56 8.18 13.51
CA ALA B 79 -12.95 8.13 12.21
C ALA B 79 -11.63 7.34 12.24
N GLY B 80 -10.87 7.48 13.33
CA GLY B 80 -9.61 6.76 13.49
C GLY B 80 -9.77 5.26 13.60
N ASP B 81 -11.00 4.74 13.74
CA ASP B 81 -11.21 3.29 13.77
C ASP B 81 -11.30 2.66 12.38
N GLU B 82 -11.32 3.45 11.31
CA GLU B 82 -11.26 2.90 9.96
C GLU B 82 -10.02 2.02 9.78
N ALA B 83 -10.23 0.76 9.43
CA ALA B 83 -9.10 -0.18 9.45
C ALA B 83 -9.61 -1.50 8.90
N ASP B 84 -8.70 -2.42 8.63
CA ASP B 84 -9.05 -3.81 8.34
C ASP B 84 -8.88 -4.63 9.60
N TYR B 85 -9.91 -5.39 9.97
CA TYR B 85 -9.88 -6.18 11.20
C TYR B 85 -9.88 -7.66 10.85
N TYR B 86 -8.98 -8.44 11.47
CA TYR B 86 -8.82 -9.86 11.17
C TYR B 86 -9.08 -10.68 12.41
N CYS B 87 -9.86 -11.76 12.28
CA CYS B 87 -9.94 -12.73 13.38
C CYS B 87 -8.96 -13.89 13.12
N GLN B 88 -8.67 -14.64 14.18
CA GLN B 88 -7.63 -15.66 14.10
C GLN B 88 -7.93 -16.71 15.16
N GLU B 89 -7.70 -17.95 14.80
CA GLU B 89 -7.83 -19.07 15.73
C GLU B 89 -6.59 -19.94 15.59
N TRP B 90 -6.43 -20.89 16.50
CA TRP B 90 -5.36 -21.88 16.32
C TRP B 90 -5.80 -23.16 17.02
N ASP B 91 -6.42 -24.04 16.24
CA ASP B 91 -6.97 -25.31 16.68
C ASP B 91 -5.90 -26.15 17.36
N THR B 92 -6.34 -26.91 18.38
CA THR B 92 -5.45 -27.85 19.05
C THR B 92 -4.76 -28.77 18.07
N SER B 93 -5.47 -29.19 17.05
CA SER B 93 -5.01 -30.22 16.16
C SER B 93 -4.24 -29.68 14.95
N SER B 94 -4.05 -28.37 14.87
CA SER B 94 -3.42 -27.76 13.71
C SER B 94 -2.02 -27.26 14.08
N ASP B 95 -1.08 -27.48 13.18
CA ASP B 95 0.27 -27.00 13.41
C ASP B 95 0.38 -25.50 13.25
N TYR B 96 -0.61 -24.82 12.68
CA TYR B 96 -0.43 -23.40 12.49
C TYR B 96 -1.74 -22.68 12.64
N PRO B 97 -1.68 -21.38 12.85
CA PRO B 97 -2.90 -20.60 13.08
C PRO B 97 -3.62 -20.33 11.76
N VAL B 98 -4.88 -19.97 11.91
CA VAL B 98 -5.76 -19.68 10.78
C VAL B 98 -6.25 -18.25 10.95
N PHE B 99 -6.12 -17.43 9.90
CA PHE B 99 -6.65 -16.07 9.89
C PHE B 99 -7.90 -15.99 9.02
N GLY B 100 -8.86 -15.17 9.43
CA GLY B 100 -9.93 -14.76 8.54
C GLY B 100 -9.42 -13.85 7.40
N GLY B 101 -10.27 -13.61 6.42
CA GLY B 101 -9.87 -12.78 5.27
C GLY B 101 -9.90 -11.29 5.54
N GLY B 102 -10.43 -10.88 6.69
CA GLY B 102 -10.41 -9.50 7.08
C GLY B 102 -11.70 -8.76 6.73
N THR B 103 -12.09 -7.82 7.58
CA THR B 103 -13.29 -7.00 7.36
C THR B 103 -12.83 -5.55 7.30
N LYS B 104 -13.13 -4.83 6.20
CA LYS B 104 -12.75 -3.43 6.08
C LYS B 104 -13.84 -2.56 6.68
N VAL B 105 -13.51 -1.78 7.70
CA VAL B 105 -14.47 -0.87 8.31
C VAL B 105 -14.15 0.51 7.80
N THR B 106 -15.13 1.09 7.13
CA THR B 106 -15.09 2.48 6.68
C THR B 106 -16.03 3.27 7.56
N VAL B 107 -15.65 4.49 7.93
CA VAL B 107 -16.44 5.30 8.85
C VAL B 107 -17.20 6.39 8.08
N LEU B 108 -18.54 6.35 8.16
CA LEU B 108 -19.40 7.26 7.38
C LEU B 108 -19.30 8.73 7.81
N GLN B 110 -18.33 11.69 7.51
CA GLN B 110 -17.11 12.39 7.16
C GLN B 110 -17.33 13.31 5.96
N PRO B 111 -16.72 14.51 5.96
CA PRO B 111 -17.14 15.54 5.01
C PRO B 111 -16.64 15.24 3.60
N LYS B 112 -17.56 15.14 2.66
CA LYS B 112 -17.20 14.79 1.30
C LYS B 112 -16.59 15.97 0.55
N ALA B 113 -15.70 15.64 -0.40
CA ALA B 113 -15.09 16.66 -1.23
C ALA B 113 -14.93 16.12 -2.64
N ALA B 114 -15.30 16.94 -3.62
CA ALA B 114 -15.12 16.60 -5.03
C ALA B 114 -13.64 16.69 -5.41
N PRO B 115 -13.23 15.91 -6.41
CA PRO B 115 -11.82 15.94 -6.82
C PRO B 115 -11.47 17.18 -7.63
N SER B 116 -10.24 17.65 -7.44
CA SER B 116 -9.56 18.56 -8.36
C SER B 116 -8.82 17.73 -9.40
N VAL B 117 -8.92 18.13 -10.66
CA VAL B 117 -8.35 17.38 -11.76
C VAL B 117 -7.45 18.30 -12.59
N THR B 118 -6.22 17.86 -12.82
CA THR B 118 -5.27 18.54 -13.69
C THR B 118 -4.83 17.55 -14.75
N LEU B 119 -4.95 17.94 -16.03
CA LEU B 119 -4.58 17.09 -17.16
C LEU B 119 -3.47 17.76 -17.99
N PHE B 120 -2.40 17.03 -18.21
CA PHE B 120 -1.29 17.49 -19.05
C PHE B 120 -1.20 16.66 -20.35
N PRO B 121 -0.99 17.33 -21.47
CA PRO B 121 -0.70 16.64 -22.74
C PRO B 121 0.73 16.12 -22.80
N PRO B 122 1.05 15.34 -23.82
CA PRO B 122 2.45 14.91 -24.00
C PRO B 122 3.36 16.09 -24.22
N SER B 123 4.58 15.99 -23.68
CA SER B 123 5.58 17.03 -23.92
C SER B 123 6.15 16.87 -25.31
N SER B 124 6.62 17.97 -25.87
CA SER B 124 7.32 17.87 -27.16
C SER B 124 8.55 16.96 -27.04
N GLU B 125 9.25 16.97 -25.90
CA GLU B 125 10.38 16.05 -25.74
C GLU B 125 9.95 14.60 -25.94
N GLU B 126 8.88 14.19 -25.26
CA GLU B 126 8.46 12.80 -25.39
C GLU B 126 7.98 12.50 -26.80
N LEU B 127 7.31 13.45 -27.44
CA LEU B 127 6.82 13.23 -28.78
C LEU B 127 7.99 13.04 -29.74
N GLN B 128 9.06 13.82 -29.58
CA GLN B 128 10.17 13.59 -30.51
C GLN B 128 10.95 12.34 -30.15
N ALA B 129 10.75 11.78 -28.96
CA ALA B 129 11.24 10.43 -28.68
C ALA B 129 10.25 9.35 -29.10
N ASN B 130 9.29 9.69 -29.96
CA ASN B 130 8.37 8.72 -30.54
C ASN B 130 7.44 8.08 -29.53
N LYS B 131 7.06 8.80 -28.47
CA LYS B 131 6.13 8.28 -27.47
C LYS B 131 5.17 9.39 -27.08
N ALA B 132 4.05 9.04 -26.44
CA ALA B 132 3.17 10.09 -25.97
C ALA B 132 2.46 9.61 -24.70
N THR B 133 2.45 10.44 -23.65
CA THR B 133 1.77 10.08 -22.41
C THR B 133 0.92 11.26 -21.95
N LEU B 134 -0.39 11.03 -21.73
CA LEU B 134 -1.23 12.01 -21.05
C LEU B 134 -1.29 11.70 -19.57
N VAL B 135 -1.25 12.76 -18.75
CA VAL B 135 -1.13 12.61 -17.30
C VAL B 135 -2.30 13.31 -16.63
N CYS B 136 -3.10 12.56 -15.88
CA CYS B 136 -4.26 13.07 -15.18
C CYS B 136 -4.03 12.96 -13.68
N LEU B 137 -3.97 14.10 -12.98
CA LEU B 137 -3.65 14.13 -11.56
C LEU B 137 -4.90 14.53 -10.81
N ILE B 138 -5.25 13.75 -9.78
CA ILE B 138 -6.55 13.85 -9.11
C ILE B 138 -6.31 14.03 -7.62
N SER B 139 -6.83 15.11 -7.04
CA SER B 139 -6.44 15.42 -5.67
C SER B 139 -7.64 15.90 -4.87
N ASP B 140 -7.49 15.83 -3.54
CA ASP B 140 -8.39 16.48 -2.59
C ASP B 140 -9.82 15.93 -2.61
N PHE B 141 -9.98 14.63 -2.82
CA PHE B 141 -11.32 14.07 -2.79
C PHE B 141 -11.56 13.20 -1.55
N TYR B 142 -12.85 13.03 -1.21
CA TYR B 142 -13.22 12.23 -0.05
C TYR B 142 -14.69 11.87 -0.22
N PRO B 143 -15.09 10.58 -0.01
CA PRO B 143 -14.29 9.41 0.39
C PRO B 143 -13.26 8.99 -0.65
N GLY B 144 -12.43 8.00 -0.31
CA GLY B 144 -11.31 7.64 -1.17
C GLY B 144 -11.63 6.67 -2.30
N ALA B 145 -12.69 6.92 -3.07
CA ALA B 145 -13.03 6.02 -4.16
C ALA B 145 -13.38 6.87 -5.38
N VAL B 146 -12.63 6.70 -6.46
CA VAL B 146 -12.94 7.36 -7.72
C VAL B 146 -12.90 6.32 -8.82
N THR B 147 -13.57 6.63 -9.92
CA THR B 147 -13.35 5.89 -11.15
C THR B 147 -12.88 6.86 -12.21
N VAL B 148 -11.94 6.41 -13.04
CA VAL B 148 -11.32 7.27 -14.02
C VAL B 148 -11.58 6.68 -15.39
N ALA B 149 -12.13 7.49 -16.29
CA ALA B 149 -12.37 7.11 -17.67
C ALA B 149 -11.56 8.03 -18.57
N TRP B 150 -11.07 7.50 -19.68
CA TRP B 150 -10.47 8.36 -20.71
C TRP B 150 -11.32 8.34 -21.98
N LYS B 151 -11.23 9.43 -22.75
CA LYS B 151 -11.89 9.51 -24.05
C LYS B 151 -10.98 10.12 -25.08
N ALA B 152 -11.03 9.57 -26.30
CA ALA B 152 -10.46 10.17 -27.49
C ALA B 152 -11.63 10.71 -28.32
N ASP B 153 -11.62 12.02 -28.56
CA ASP B 153 -12.84 12.73 -28.92
C ASP B 153 -13.95 12.35 -27.92
N SER B 154 -15.04 11.72 -28.37
CA SER B 154 -16.07 11.28 -27.43
C SER B 154 -16.11 9.75 -27.24
N SER B 155 -15.03 9.01 -27.67
CA SER B 155 -15.03 7.53 -27.60
C SER B 155 -14.23 7.02 -26.41
N PRO B 156 -14.82 6.17 -25.56
CA PRO B 156 -14.08 5.63 -24.40
C PRO B 156 -12.83 4.89 -24.84
N VAL B 157 -11.77 5.08 -24.06
CA VAL B 157 -10.46 4.49 -24.30
C VAL B 157 -10.07 3.70 -23.08
N LYS B 158 -9.77 2.41 -23.27
CA LYS B 158 -9.32 1.53 -22.21
C LYS B 158 -7.88 1.05 -22.40
N ALA B 159 -7.45 0.87 -23.64
CA ALA B 159 -6.09 0.40 -23.91
C ALA B 159 -5.08 1.47 -23.55
N GLY B 160 -4.00 1.07 -22.90
CA GLY B 160 -2.94 2.02 -22.59
C GLY B 160 -3.16 2.82 -21.34
N VAL B 161 -4.20 2.53 -20.57
CA VAL B 161 -4.55 3.27 -19.36
C VAL B 161 -3.94 2.57 -18.16
N GLU B 162 -3.35 3.34 -17.26
CA GLU B 162 -2.82 2.84 -16.00
C GLU B 162 -3.24 3.83 -14.93
N THR B 163 -3.95 3.37 -13.91
CA THR B 163 -4.51 4.25 -12.88
C THR B 163 -4.09 3.73 -11.51
N THR B 164 -3.71 4.64 -10.61
CA THR B 164 -3.36 4.24 -9.26
C THR B 164 -4.60 4.02 -8.39
N THR B 165 -4.44 3.21 -7.37
CA THR B 165 -5.51 3.23 -6.38
C THR B 165 -5.35 4.48 -5.53
N PRO B 166 -6.44 5.00 -4.95
CA PRO B 166 -6.32 6.25 -4.21
C PRO B 166 -5.49 6.06 -2.95
N SER B 167 -4.76 7.11 -2.57
CA SER B 167 -3.99 7.11 -1.33
C SER B 167 -4.23 8.40 -0.56
N LYS B 168 -4.14 8.30 0.76
CA LYS B 168 -4.44 9.42 1.64
C LYS B 168 -3.33 10.49 1.61
N GLN B 169 -3.73 11.76 1.46
CA GLN B 169 -2.83 12.89 1.54
C GLN B 169 -2.65 13.35 2.98
N SER B 170 -1.75 14.30 3.19
CA SER B 170 -1.51 14.82 4.53
C SER B 170 -2.78 15.34 5.16
N ASN B 171 -3.66 15.97 4.37
CA ASN B 171 -4.86 16.60 4.92
C ASN B 171 -6.03 15.64 5.06
N ASN B 172 -5.77 14.33 5.01
CA ASN B 172 -6.78 13.28 5.14
C ASN B 172 -7.70 13.16 3.94
N LYS B 173 -7.50 13.94 2.89
CA LYS B 173 -8.25 13.71 1.66
C LYS B 173 -7.42 12.72 0.80
N TYR B 174 -7.92 12.35 -0.37
CA TYR B 174 -7.26 11.32 -1.17
C TYR B 174 -6.74 11.88 -2.49
N ALA B 175 -5.76 11.18 -3.07
CA ALA B 175 -5.22 11.54 -4.38
C ALA B 175 -5.04 10.27 -5.21
N ALA B 176 -5.05 10.43 -6.53
CA ALA B 176 -4.81 9.35 -7.47
C ALA B 176 -4.27 9.95 -8.76
N SER B 177 -3.76 9.09 -9.64
CA SER B 177 -3.33 9.58 -10.94
C SER B 177 -3.61 8.52 -11.98
N SER B 178 -3.75 8.98 -13.20
CA SER B 178 -3.99 8.06 -14.30
C SER B 178 -3.17 8.52 -15.49
N TYR B 179 -2.70 7.54 -16.26
CA TYR B 179 -1.81 7.76 -17.38
C TYR B 179 -2.39 7.09 -18.61
N LEU B 180 -2.38 7.77 -19.74
CA LEU B 180 -2.82 7.18 -21.01
C LEU B 180 -1.66 7.22 -21.99
N SER B 181 -1.21 6.04 -22.42
CA SER B 181 -0.10 5.94 -23.37
C SER B 181 -0.64 5.82 -24.80
N LEU B 182 -0.15 6.68 -25.68
CA LEU B 182 -0.54 6.73 -27.09
C LEU B 182 0.71 6.73 -27.97
N THR B 183 0.51 6.35 -29.23
CA THR B 183 1.49 6.67 -30.24
C THR B 183 1.40 8.15 -30.58
N PRO B 184 2.47 8.73 -31.09
CA PRO B 184 2.35 10.12 -31.57
C PRO B 184 1.26 10.29 -32.61
N GLU B 185 1.11 9.32 -33.53
CA GLU B 185 0.13 9.47 -34.59
C GLU B 185 -1.29 9.49 -34.03
N GLN B 186 -1.55 8.65 -33.02
CA GLN B 186 -2.84 8.65 -32.35
C GLN B 186 -3.11 9.97 -31.65
N TRP B 187 -2.10 10.53 -30.96
CA TRP B 187 -2.28 11.83 -30.33
C TRP B 187 -2.61 12.90 -31.37
N LYS B 188 -1.87 12.93 -32.47
CA LYS B 188 -2.04 14.03 -33.41
C LYS B 188 -3.28 13.87 -34.28
N SER B 189 -3.85 12.67 -34.35
CA SER B 189 -4.95 12.40 -35.27
C SER B 189 -6.33 12.61 -34.67
N HIS B 190 -6.45 13.00 -33.39
CA HIS B 190 -7.75 13.23 -32.78
C HIS B 190 -7.90 14.70 -32.42
N ARG B 191 -9.15 15.16 -32.37
CA ARG B 191 -9.40 16.57 -32.04
C ARG B 191 -9.05 16.86 -30.58
N SER B 192 -9.31 15.91 -29.69
CA SER B 192 -9.05 16.11 -28.27
C SER B 192 -9.02 14.77 -27.56
N TYR B 193 -8.43 14.78 -26.36
CA TYR B 193 -8.51 13.69 -25.39
C TYR B 193 -8.99 14.24 -24.06
N SER B 194 -9.68 13.40 -23.30
CA SER B 194 -10.26 13.82 -22.02
C SER B 194 -10.01 12.80 -20.93
N CYS B 195 -9.81 13.30 -19.71
CA CYS B 195 -9.77 12.47 -18.53
C CYS B 195 -11.03 12.81 -17.75
N GLN B 196 -11.88 11.82 -17.51
CA GLN B 196 -13.12 11.99 -16.76
C GLN B 196 -13.03 11.27 -15.42
N VAL B 197 -13.26 11.99 -14.32
CA VAL B 197 -13.10 11.42 -12.99
C VAL B 197 -14.47 11.44 -12.33
N THR B 198 -14.99 10.26 -12.01
CA THR B 198 -16.28 10.16 -11.35
C THR B 198 -16.12 9.83 -9.87
N HIS B 199 -16.93 10.51 -9.06
CA HIS B 199 -16.79 10.46 -7.62
C HIS B 199 -18.17 10.70 -7.05
N GLU B 200 -18.69 9.68 -6.37
CA GLU B 200 -19.98 9.79 -5.71
C GLU B 200 -21.05 10.23 -6.70
N GLY B 201 -20.93 9.76 -7.94
CA GLY B 201 -21.93 10.00 -8.96
C GLY B 201 -21.75 11.27 -9.78
N SER B 202 -20.86 12.17 -9.40
CA SER B 202 -20.63 13.39 -10.17
C SER B 202 -19.28 13.28 -10.85
N THR B 203 -19.13 13.94 -11.99
CA THR B 203 -17.93 13.76 -12.82
C THR B 203 -17.26 15.10 -13.07
N VAL B 204 -15.93 15.12 -12.99
CA VAL B 204 -15.12 16.28 -13.38
C VAL B 204 -14.26 15.83 -14.54
N GLU B 205 -14.35 16.54 -15.66
CA GLU B 205 -13.67 16.15 -16.89
C GLU B 205 -12.80 17.28 -17.39
N LYS B 206 -11.55 16.95 -17.73
CA LYS B 206 -10.62 17.90 -18.33
C LYS B 206 -10.22 17.40 -19.71
N THR B 207 -10.00 18.33 -20.64
CA THR B 207 -9.66 17.99 -22.03
C THR B 207 -8.38 18.70 -22.45
N VAL B 208 -7.63 18.05 -23.35
CA VAL B 208 -6.44 18.64 -23.96
C VAL B 208 -6.49 18.33 -25.45
N ALA B 209 -5.76 19.12 -26.24
CA ALA B 209 -5.83 18.98 -27.70
C ALA B 209 -4.45 19.19 -28.30
N PRO B 210 -4.11 18.49 -29.39
CA PRO B 210 -2.74 18.59 -29.95
C PRO B 210 -2.43 19.96 -30.55
#